data_5QIC
#
_entry.id   5QIC
#
_cell.length_a   97.590
_cell.length_b   97.590
_cell.length_c   80.870
_cell.angle_alpha   90.000
_cell.angle_beta   90.000
_cell.angle_gamma   90.000
#
_symmetry.space_group_name_H-M   'I 4'
#
loop_
_entity.id
_entity.type
_entity.pdbx_description
1 polymer 'Hydroxyacid oxidase 1'
2 non-polymer 'FLAVIN MONONUCLEOTIDE'
3 non-polymer cyclopropyl-[4-(4-fluorophenyl)piperazin-1-yl]methanone
4 water water
#
_entity_poly.entity_id   1
_entity_poly.type   'polypeptide(L)'
_entity_poly.pdbx_seq_one_letter_code
;SMLPRLICINDYEQHAKSVLPKSIYDYYRSGANDEETLADNIAAFSRWKLYPRMLRNVAETDLSTSVLGQRVSMPICVGA
TAMQRMAHVDGELATVRACQSLGTGMMLSSWATSSIEEVAEAGPEALRWLQLYIYKDREVTKKLVRQAEKMGYKAIFVTV
DTPYLGNRLDDVRNRFKLPPQLRMKNFETSTLSFSPEENFGDDSGLAAYVAKAIDPSISWEDIKWLRRLTSLPIVAKGIL
RGDDAREAVKHGLNGILVSNHGARQLDGVPATIDVLPEIVEAVEGKVEVFLDGGVRKGTDVLKALALGAKAVFVGRPIVW
GLAFQGEKGVQDVLEILKEEFRLAMALSGCQNVKVIDKTLVRKNPLAVS
;
_entity_poly.pdbx_strand_id   A
#
# COMPACT_ATOMS: atom_id res chain seq x y z
N ARG A 5 23.28 -5.00 14.40
CA ARG A 5 21.88 -5.52 14.40
C ARG A 5 21.13 -5.58 13.01
N LEU A 6 20.41 -4.54 12.58
CA LEU A 6 19.38 -4.75 11.51
C LEU A 6 19.88 -4.21 10.17
N ILE A 7 20.15 -5.12 9.23
CA ILE A 7 20.81 -4.67 8.01
C ILE A 7 20.02 -4.93 6.70
N CYS A 8 18.91 -5.61 6.83
CA CYS A 8 18.02 -5.95 5.68
C CYS A 8 16.60 -5.97 6.23
N ILE A 9 15.63 -5.94 5.32
N ILE A 9 15.63 -5.94 5.32
N ILE A 9 15.65 -5.94 5.32
N ILE A 9 15.65 -5.94 5.32
CA ILE A 9 14.23 -5.88 5.74
CA ILE A 9 14.23 -5.88 5.74
CA ILE A 9 14.25 -5.87 5.70
CA ILE A 9 14.25 -5.87 5.70
C ILE A 9 13.79 -7.10 6.56
C ILE A 9 13.79 -7.10 6.56
C ILE A 9 13.80 -7.09 6.55
C ILE A 9 13.80 -7.09 6.55
N ASN A 10 14.26 -8.27 6.19
CA ASN A 10 13.93 -9.48 7.00
C ASN A 10 14.34 -9.30 8.46
N ASP A 11 15.46 -8.65 8.69
CA ASP A 11 15.91 -8.43 10.12
C ASP A 11 14.88 -7.59 10.86
N TYR A 12 14.25 -6.60 10.22
CA TYR A 12 13.26 -5.75 10.86
C TYR A 12 12.02 -6.56 11.18
N GLU A 13 11.61 -7.48 10.31
CA GLU A 13 10.48 -8.34 10.65
C GLU A 13 10.78 -9.16 11.89
N GLN A 14 11.98 -9.76 11.90
CA GLN A 14 12.32 -10.63 13.06
C GLN A 14 12.35 -9.82 14.33
N HIS A 15 12.88 -8.61 14.29
CA HIS A 15 12.88 -7.76 15.47
C HIS A 15 11.46 -7.48 15.91
N ALA A 16 10.56 -7.19 14.93
CA ALA A 16 9.18 -6.86 15.25
C ALA A 16 8.47 -8.00 15.91
N LYS A 17 8.71 -9.20 15.44
CA LYS A 17 8.08 -10.38 16.05
C LYS A 17 8.52 -10.46 17.54
N SER A 18 9.72 -10.00 17.84
CA SER A 18 10.25 -10.15 19.23
C SER A 18 9.66 -9.09 20.16
N VAL A 19 9.28 -7.91 19.66
CA VAL A 19 8.79 -6.82 20.51
C VAL A 19 7.27 -6.61 20.49
N LEU A 20 6.56 -7.04 19.43
CA LEU A 20 5.13 -6.85 19.39
C LEU A 20 4.31 -7.94 20.09
N PRO A 21 3.17 -7.55 20.72
CA PRO A 21 2.24 -8.63 21.14
C PRO A 21 1.89 -9.54 19.97
N LYS A 22 1.82 -10.84 20.23
CA LYS A 22 1.45 -11.83 19.21
C LYS A 22 0.25 -11.42 18.35
N SER A 23 -0.87 -11.00 18.93
CA SER A 23 -2.05 -10.63 18.13
C SER A 23 -1.80 -9.48 17.13
N ILE A 24 -0.92 -8.56 17.53
CA ILE A 24 -0.59 -7.41 16.70
C ILE A 24 0.35 -7.86 15.60
N TYR A 25 1.37 -8.64 15.94
CA TYR A 25 2.32 -9.15 14.92
C TYR A 25 1.50 -9.97 13.91
N ASP A 26 0.60 -10.81 14.42
CA ASP A 26 -0.19 -11.69 13.48
C ASP A 26 -1.13 -10.88 12.61
N TYR A 27 -1.77 -9.85 13.12
CA TYR A 27 -2.59 -8.95 12.34
C TYR A 27 -1.79 -8.43 11.12
N TYR A 28 -0.57 -7.97 11.41
CA TYR A 28 0.26 -7.35 10.37
C TYR A 28 0.82 -8.41 9.39
N ARG A 29 1.21 -9.55 9.91
CA ARG A 29 1.87 -10.59 9.11
C ARG A 29 0.90 -11.33 8.18
N SER A 30 -0.31 -11.57 8.65
CA SER A 30 -1.16 -12.60 8.09
C SER A 30 -1.57 -12.32 6.65
N GLY A 31 -1.79 -13.42 5.96
CA GLY A 31 -2.51 -13.41 4.69
C GLY A 31 -3.86 -14.07 4.87
N ALA A 32 -4.57 -14.28 3.78
CA ALA A 32 -5.88 -14.96 3.79
C ALA A 32 -5.73 -16.48 3.77
N ASN A 33 -6.62 -17.13 4.54
CA ASN A 33 -6.81 -18.57 4.45
C ASN A 33 -5.51 -19.28 4.58
N ASP A 34 -5.12 -20.19 3.68
CA ASP A 34 -3.87 -20.93 3.81
C ASP A 34 -2.59 -20.16 3.42
N GLU A 35 -2.73 -18.89 3.04
CA GLU A 35 -1.58 -18.03 2.83
C GLU A 35 -0.72 -18.51 1.66
N GLU A 36 -1.35 -19.05 0.64
CA GLU A 36 -0.63 -19.50 -0.56
C GLU A 36 -0.12 -18.28 -1.33
N THR A 37 -0.95 -17.26 -1.55
CA THR A 37 -0.48 -16.10 -2.28
C THR A 37 0.55 -15.31 -1.45
N LEU A 38 0.42 -15.33 -0.13
CA LEU A 38 1.39 -14.62 0.76
C LEU A 38 2.81 -15.12 0.51
N ALA A 39 2.93 -16.46 0.38
CA ALA A 39 4.26 -17.05 0.11
C ALA A 39 4.66 -16.74 -1.30
N ASP A 40 3.76 -16.81 -2.24
CA ASP A 40 4.08 -16.59 -3.66
C ASP A 40 4.47 -15.14 -3.98
N ASN A 41 3.91 -14.14 -3.30
CA ASN A 41 4.35 -12.80 -3.58
C ASN A 41 5.86 -12.64 -3.42
N ILE A 42 6.42 -13.37 -2.47
CA ILE A 42 7.89 -13.38 -2.31
C ILE A 42 8.56 -14.36 -3.26
N ALA A 43 8.08 -15.59 -3.34
CA ALA A 43 8.75 -16.63 -4.18
C ALA A 43 8.81 -16.24 -5.62
N ALA A 44 7.78 -15.56 -6.12
CA ALA A 44 7.71 -15.22 -7.51
C ALA A 44 8.85 -14.28 -7.92
N PHE A 45 9.22 -13.35 -7.02
CA PHE A 45 10.35 -12.49 -7.35
C PHE A 45 11.59 -13.30 -7.62
N SER A 46 11.79 -14.37 -6.84
CA SER A 46 12.98 -15.18 -7.00
C SER A 46 13.03 -15.90 -8.32
N ARG A 47 11.88 -16.23 -8.94
CA ARG A 47 11.86 -16.89 -10.22
C ARG A 47 12.24 -16.02 -11.38
N TRP A 48 12.07 -14.71 -11.25
CA TRP A 48 12.51 -13.76 -12.28
C TRP A 48 13.99 -13.54 -12.11
N LYS A 49 14.76 -13.91 -13.10
CA LYS A 49 16.20 -13.81 -13.03
C LYS A 49 16.73 -12.56 -13.73
N LEU A 50 17.84 -12.04 -13.24
CA LEU A 50 18.44 -10.82 -13.78
C LEU A 50 19.58 -11.07 -14.72
N TYR A 51 19.64 -10.25 -15.75
CA TYR A 51 20.63 -10.37 -16.87
C TYR A 51 21.40 -9.09 -16.97
N PRO A 52 22.36 -8.85 -16.07
CA PRO A 52 23.03 -7.56 -15.94
C PRO A 52 23.93 -7.21 -17.07
N ARG A 53 23.93 -5.94 -17.47
CA ARG A 53 24.95 -5.48 -18.41
C ARG A 53 26.16 -4.94 -17.68
N MET A 54 27.36 -5.19 -18.24
CA MET A 54 28.59 -4.77 -17.64
C MET A 54 29.15 -3.53 -18.38
N LEU A 55 30.00 -2.80 -17.68
N LEU A 55 30.00 -2.80 -17.68
N LEU A 55 30.04 -2.80 -17.72
N LEU A 55 30.04 -2.80 -17.72
CA LEU A 55 30.85 -1.76 -18.32
CA LEU A 55 30.85 -1.76 -18.32
CA LEU A 55 30.83 -1.78 -18.44
CA LEU A 55 30.83 -1.78 -18.44
C LEU A 55 30.05 -0.54 -18.82
C LEU A 55 30.05 -0.54 -18.82
C LEU A 55 29.92 -0.72 -19.11
C LEU A 55 29.92 -0.72 -19.11
N ARG A 56 29.08 -0.08 -18.02
N ARG A 56 29.08 -0.08 -18.02
N ARG A 56 28.91 -0.27 -18.37
N ARG A 56 28.91 -0.27 -18.37
CA ARG A 56 28.15 0.98 -18.46
CA ARG A 56 28.15 0.98 -18.46
CA ARG A 56 28.04 0.77 -18.89
CA ARG A 56 28.04 0.77 -18.89
C ARG A 56 28.38 2.36 -17.79
C ARG A 56 28.38 2.36 -17.79
C ARG A 56 28.26 2.14 -18.29
C ARG A 56 28.26 2.14 -18.29
N ASN A 57 29.42 2.49 -16.97
N ASN A 57 29.42 2.49 -16.97
N ASN A 57 29.10 2.22 -17.25
N ASN A 57 29.10 2.22 -17.25
CA ASN A 57 29.69 3.69 -16.15
CA ASN A 57 29.69 3.69 -16.15
CA ASN A 57 29.37 3.46 -16.49
CA ASN A 57 29.37 3.46 -16.49
C ASN A 57 28.57 3.99 -15.15
C ASN A 57 28.57 3.99 -15.15
C ASN A 57 28.24 3.74 -15.50
C ASN A 57 28.24 3.74 -15.50
N VAL A 58 28.72 3.44 -13.94
N VAL A 58 28.72 3.44 -13.94
N VAL A 58 28.42 3.34 -14.25
N VAL A 58 28.42 3.34 -14.25
CA VAL A 58 27.73 3.60 -12.90
CA VAL A 58 27.73 3.60 -12.90
CA VAL A 58 27.39 3.51 -13.24
CA VAL A 58 27.39 3.51 -13.24
C VAL A 58 28.31 4.34 -11.71
C VAL A 58 28.31 4.34 -11.71
C VAL A 58 27.90 4.29 -12.02
C VAL A 58 27.90 4.29 -12.02
N ALA A 59 29.19 5.29 -12.00
N ALA A 59 29.19 5.29 -12.00
N ALA A 59 28.88 5.17 -12.24
N ALA A 59 28.88 5.17 -12.24
CA ALA A 59 29.65 6.19 -10.98
CA ALA A 59 29.65 6.19 -10.98
CA ALA A 59 29.49 5.96 -11.14
CA ALA A 59 29.49 5.96 -11.14
C ALA A 59 28.52 7.04 -10.43
C ALA A 59 28.52 7.04 -10.43
C ALA A 59 28.53 6.96 -10.50
C ALA A 59 28.53 6.96 -10.50
N GLU A 60 27.55 7.42 -11.28
CA GLU A 60 26.59 8.46 -10.80
C GLU A 60 25.14 8.14 -10.56
N THR A 61 24.82 7.01 -9.97
CA THR A 61 23.48 6.43 -10.16
C THR A 61 22.35 7.30 -9.62
N ASP A 62 21.39 7.65 -10.46
CA ASP A 62 20.26 8.54 -10.16
C ASP A 62 19.02 7.67 -9.99
N LEU A 63 18.48 7.63 -8.79
CA LEU A 63 17.29 6.79 -8.47
C LEU A 63 15.99 7.54 -8.68
N SER A 64 16.04 8.84 -8.97
CA SER A 64 14.83 9.64 -8.97
C SER A 64 13.90 9.26 -10.10
N THR A 65 12.61 9.53 -9.87
CA THR A 65 11.59 9.30 -10.88
C THR A 65 10.40 10.21 -10.56
N SER A 66 9.26 9.91 -11.16
N SER A 66 9.26 9.91 -11.12
N SER A 66 9.26 9.91 -11.16
N SER A 66 9.26 9.91 -11.12
CA SER A 66 8.02 10.66 -10.98
CA SER A 66 8.06 10.62 -10.77
CA SER A 66 8.02 10.66 -10.98
CA SER A 66 8.06 10.62 -10.77
C SER A 66 6.84 9.71 -10.80
C SER A 66 6.90 9.66 -10.67
C SER A 66 6.84 9.71 -10.80
C SER A 66 6.90 9.66 -10.67
N VAL A 67 5.91 10.06 -9.90
CA VAL A 67 4.66 9.25 -9.69
C VAL A 67 3.55 10.26 -9.99
N LEU A 68 2.79 10.01 -11.03
CA LEU A 68 1.63 10.86 -11.38
C LEU A 68 2.01 12.35 -11.51
N GLY A 69 3.19 12.56 -12.06
CA GLY A 69 3.69 13.94 -12.30
C GLY A 69 4.49 14.57 -11.18
N GLN A 70 4.59 13.96 -9.99
CA GLN A 70 5.27 14.50 -8.86
C GLN A 70 6.60 13.79 -8.70
N ARG A 71 7.68 14.54 -8.55
CA ARG A 71 9.00 13.97 -8.44
C ARG A 71 9.14 13.26 -7.08
N VAL A 72 9.80 12.09 -7.14
CA VAL A 72 10.22 11.36 -5.94
C VAL A 72 11.71 10.97 -6.04
N SER A 73 12.32 10.74 -4.88
CA SER A 73 13.76 10.45 -4.82
C SER A 73 14.13 9.05 -5.28
N MET A 74 13.13 8.16 -5.33
CA MET A 74 13.34 6.72 -5.62
C MET A 74 11.98 6.14 -5.99
N PRO A 75 11.92 5.05 -6.78
CA PRO A 75 10.65 4.46 -7.23
C PRO A 75 10.08 3.50 -6.15
N ILE A 76 10.16 3.91 -4.91
CA ILE A 76 9.87 3.08 -3.73
C ILE A 76 9.09 3.96 -2.78
N CYS A 77 7.79 3.65 -2.62
CA CYS A 77 6.85 4.53 -1.90
C CYS A 77 6.19 3.75 -0.81
N VAL A 78 5.59 4.41 0.18
CA VAL A 78 4.90 3.75 1.31
C VAL A 78 3.44 3.51 0.99
N GLY A 79 3.06 2.20 1.00
CA GLY A 79 1.67 1.80 0.85
C GLY A 79 0.85 1.95 2.07
N ALA A 80 -0.49 1.98 1.87
CA ALA A 80 -1.46 2.11 2.96
C ALA A 80 -1.47 0.88 3.86
N THR A 81 -1.22 1.02 5.14
CA THR A 81 -1.37 -0.05 6.09
C THR A 81 -2.13 0.53 7.26
N ALA A 82 -3.25 -0.05 7.60
CA ALA A 82 -4.07 0.41 8.70
C ALA A 82 -3.43 0.34 10.04
N MET A 83 -3.93 1.29 10.84
CA MET A 83 -3.77 1.25 12.28
C MET A 83 -2.30 1.16 12.75
N GLN A 84 -1.50 2.09 12.17
CA GLN A 84 -0.07 2.17 12.47
C GLN A 84 0.30 2.48 13.94
N ARG A 85 -0.63 3.14 14.65
CA ARG A 85 -0.37 3.41 16.08
C ARG A 85 -0.34 2.15 16.93
N MET A 86 -0.82 0.99 16.46
CA MET A 86 -0.56 -0.25 17.15
C MET A 86 0.89 -0.68 17.18
N ALA A 87 1.69 -0.22 16.20
CA ALA A 87 3.07 -0.58 16.13
C ALA A 87 3.97 0.38 16.88
N HIS A 88 3.57 1.62 16.89
CA HIS A 88 4.38 2.67 17.57
C HIS A 88 3.45 3.79 17.90
N VAL A 89 3.68 4.47 19.06
CA VAL A 89 2.81 5.55 19.48
C VAL A 89 2.55 6.63 18.49
N ASP A 90 3.56 6.98 17.66
CA ASP A 90 3.43 8.06 16.72
C ASP A 90 2.78 7.62 15.39
N GLY A 91 2.70 6.29 15.19
CA GLY A 91 1.98 5.72 13.99
C GLY A 91 2.21 6.47 12.68
N GLU A 92 1.15 6.88 12.05
CA GLU A 92 1.20 7.53 10.74
C GLU A 92 1.99 8.85 10.71
N LEU A 93 2.12 9.52 11.86
CA LEU A 93 2.87 10.75 11.91
C LEU A 93 4.35 10.45 11.83
N ALA A 94 4.78 9.40 12.46
CA ALA A 94 6.19 8.89 12.30
C ALA A 94 6.43 8.52 10.80
N THR A 95 5.46 7.80 10.20
CA THR A 95 5.66 7.40 8.80
C THR A 95 5.78 8.57 7.86
N VAL A 96 4.92 9.59 7.98
CA VAL A 96 4.94 10.67 7.03
C VAL A 96 6.24 11.50 7.19
N ARG A 97 6.69 11.63 8.46
CA ARG A 97 7.92 12.38 8.70
C ARG A 97 9.08 11.68 8.03
N ALA A 98 9.16 10.36 8.09
CA ALA A 98 10.20 9.61 7.41
C ALA A 98 10.15 9.80 5.90
N CYS A 99 8.96 9.75 5.34
CA CYS A 99 8.79 9.95 3.90
C CYS A 99 9.28 11.31 3.48
N GLN A 100 8.96 12.30 4.29
CA GLN A 100 9.42 13.67 4.02
C GLN A 100 10.95 13.71 4.00
N SER A 101 11.57 13.08 4.96
CA SER A 101 13.06 13.05 5.00
C SER A 101 13.62 12.38 3.75
N LEU A 102 13.03 11.26 3.33
CA LEU A 102 13.54 10.47 2.21
C LEU A 102 13.22 11.12 0.89
N GLY A 103 12.23 11.99 0.79
CA GLY A 103 11.79 12.52 -0.52
C GLY A 103 10.89 11.56 -1.31
N THR A 104 10.17 10.68 -0.59
CA THR A 104 9.24 9.78 -1.26
C THR A 104 7.85 10.03 -0.75
N GLY A 105 6.88 9.31 -1.30
CA GLY A 105 5.49 9.52 -0.99
C GLY A 105 4.90 8.52 -0.06
N MET A 106 3.88 8.99 0.65
CA MET A 106 3.10 8.16 1.59
C MET A 106 1.64 8.07 1.15
N MET A 107 1.18 6.85 0.98
CA MET A 107 -0.25 6.55 0.78
C MET A 107 -0.87 6.30 2.16
N LEU A 108 -1.78 7.20 2.54
N LEU A 108 -1.78 7.20 2.54
N LEU A 108 -1.79 7.18 2.57
N LEU A 108 -1.79 7.18 2.57
CA LEU A 108 -2.47 7.14 3.83
CA LEU A 108 -2.47 7.14 3.83
CA LEU A 108 -2.41 7.12 3.89
CA LEU A 108 -2.41 7.12 3.89
C LEU A 108 -3.74 6.28 3.73
C LEU A 108 -3.74 6.28 3.73
C LEU A 108 -3.69 6.28 3.90
C LEU A 108 -3.69 6.28 3.90
N SER A 109 -3.83 5.30 4.62
N SER A 109 -3.83 5.30 4.62
N SER A 109 -3.70 5.24 4.73
N SER A 109 -3.70 5.24 4.73
CA SER A 109 -5.00 4.47 4.77
CA SER A 109 -5.00 4.47 4.77
CA SER A 109 -4.91 4.47 5.01
CA SER A 109 -4.91 4.47 5.01
C SER A 109 -6.25 5.23 5.12
C SER A 109 -6.25 5.23 5.12
C SER A 109 -5.54 5.04 6.28
C SER A 109 -5.54 5.04 6.28
N SER A 110 -7.38 4.79 4.56
N SER A 110 -7.38 4.79 4.56
N SER A 110 -5.02 4.62 7.44
N SER A 110 -5.02 4.62 7.44
CA SER A 110 -8.70 5.24 5.06
CA SER A 110 -8.70 5.24 5.06
CA SER A 110 -5.67 4.82 8.75
CA SER A 110 -5.67 4.82 8.75
C SER A 110 -8.93 4.83 6.53
C SER A 110 -8.93 4.83 6.53
C SER A 110 -7.10 4.29 8.76
C SER A 110 -7.10 4.29 8.76
N TRP A 111 -8.26 3.77 6.97
N TRP A 111 -8.26 3.77 6.97
N TRP A 111 -7.38 3.33 7.87
N TRP A 111 -7.38 3.33 7.87
CA TRP A 111 -8.38 3.17 8.32
CA TRP A 111 -8.38 3.17 8.32
CA TRP A 111 -8.73 2.98 7.46
CA TRP A 111 -8.73 2.98 7.46
C TRP A 111 -7.20 3.53 9.20
C TRP A 111 -7.20 3.53 9.20
C TRP A 111 -9.57 4.22 7.14
C TRP A 111 -9.57 4.22 7.14
N ALA A 112 -6.72 4.76 9.06
N ALA A 112 -6.72 4.76 9.06
CA ALA A 112 -5.57 5.16 9.81
CA ALA A 112 -5.57 5.16 9.81
C ALA A 112 -5.96 5.50 11.23
C ALA A 112 -5.96 5.50 11.23
N THR A 113 -5.00 5.32 12.14
N THR A 113 -5.00 5.32 12.14
CA THR A 113 -5.12 5.78 13.51
CA THR A 113 -5.12 5.78 13.51
C THR A 113 -4.67 7.26 13.69
C THR A 113 -4.67 7.26 13.69
N SER A 114 -4.58 8.00 12.58
N SER A 114 -4.58 8.00 12.58
CA SER A 114 -4.35 9.45 12.58
CA SER A 114 -4.35 9.45 12.58
C SER A 114 -5.21 10.09 11.46
C SER A 114 -5.21 10.09 11.46
N SER A 115 -5.63 11.34 11.66
CA SER A 115 -6.53 11.99 10.70
C SER A 115 -5.81 12.48 9.46
N ILE A 116 -6.56 12.68 8.40
CA ILE A 116 -6.05 13.31 7.16
C ILE A 116 -5.31 14.64 7.50
N GLU A 117 -5.95 15.50 8.29
N GLU A 117 -5.95 15.50 8.29
N GLU A 117 -5.95 15.49 8.29
N GLU A 117 -5.95 15.49 8.29
CA GLU A 117 -5.34 16.77 8.65
CA GLU A 117 -5.34 16.77 8.65
CA GLU A 117 -5.36 16.77 8.69
CA GLU A 117 -5.36 16.77 8.69
C GLU A 117 -4.09 16.59 9.52
C GLU A 117 -4.09 16.59 9.52
C GLU A 117 -4.10 16.58 9.52
C GLU A 117 -4.10 16.58 9.52
N GLU A 118 -4.15 15.71 10.52
CA GLU A 118 -2.96 15.44 11.44
C GLU A 118 -1.73 15.00 10.60
N VAL A 119 -1.95 14.12 9.63
CA VAL A 119 -0.83 13.66 8.80
C VAL A 119 -0.30 14.76 7.90
N ALA A 120 -1.16 15.60 7.32
CA ALA A 120 -0.72 16.75 6.51
C ALA A 120 0.09 17.78 7.35
N GLU A 121 -0.33 17.96 8.59
CA GLU A 121 0.37 18.85 9.55
C GLU A 121 1.73 18.28 9.95
N ALA A 122 1.86 16.96 10.13
CA ALA A 122 3.14 16.35 10.46
C ALA A 122 4.14 16.30 9.27
N GLY A 123 3.61 16.24 8.05
CA GLY A 123 4.41 16.13 6.83
C GLY A 123 3.95 17.07 5.76
N PRO A 124 3.97 18.38 6.03
CA PRO A 124 3.40 19.34 5.08
C PRO A 124 4.10 19.32 3.70
N GLU A 125 5.40 19.16 3.72
CA GLU A 125 6.25 19.04 2.53
C GLU A 125 6.32 17.67 1.90
N ALA A 126 5.82 16.63 2.57
CA ALA A 126 5.85 15.29 2.04
C ALA A 126 4.83 15.10 0.92
N LEU A 127 5.19 14.30 -0.06
CA LEU A 127 4.23 13.83 -1.05
C LEU A 127 3.25 12.81 -0.42
N ARG A 128 1.94 13.13 -0.47
CA ARG A 128 0.93 12.37 0.25
C ARG A 128 -0.21 12.07 -0.66
N TRP A 129 -0.75 10.82 -0.56
CA TRP A 129 -1.92 10.44 -1.31
C TRP A 129 -2.87 9.75 -0.33
N LEU A 130 -4.18 9.76 -0.66
CA LEU A 130 -5.17 9.12 0.17
C LEU A 130 -5.64 7.82 -0.46
N GLN A 131 -5.53 6.73 0.31
CA GLN A 131 -6.26 5.48 -0.07
C GLN A 131 -7.69 5.58 0.45
N LEU A 132 -8.61 5.33 -0.48
CA LEU A 132 -10.06 5.44 -0.24
C LEU A 132 -10.74 4.12 -0.36
N TYR A 133 -11.65 3.84 0.57
CA TYR A 133 -12.71 2.88 0.32
C TYR A 133 -14.02 3.63 0.01
N ILE A 134 -14.83 3.06 -0.84
CA ILE A 134 -16.23 3.56 -1.08
C ILE A 134 -17.12 2.96 0.04
N TYR A 135 -17.42 3.80 1.04
N TYR A 135 -17.42 3.80 1.04
N TYR A 135 -17.47 3.81 0.99
N TYR A 135 -17.47 3.81 0.99
CA TYR A 135 -18.27 3.43 2.18
CA TYR A 135 -18.27 3.43 2.18
CA TYR A 135 -18.28 3.39 2.12
CA TYR A 135 -18.28 3.39 2.12
C TYR A 135 -19.72 3.45 1.71
C TYR A 135 -19.72 3.45 1.71
C TYR A 135 -19.73 3.46 1.71
C TYR A 135 -19.73 3.46 1.71
N LYS A 136 -20.54 2.63 2.35
CA LYS A 136 -22.00 2.66 2.08
C LYS A 136 -22.50 4.13 2.28
N ASP A 137 -21.96 4.80 3.28
N ASP A 137 -21.96 4.80 3.28
N ASP A 137 -21.98 4.81 3.30
N ASP A 137 -21.98 4.81 3.30
CA ASP A 137 -22.24 6.21 3.46
CA ASP A 137 -22.24 6.21 3.46
CA ASP A 137 -22.19 6.27 3.58
CA ASP A 137 -22.19 6.27 3.58
C ASP A 137 -21.38 7.02 2.48
C ASP A 137 -21.38 7.02 2.48
C ASP A 137 -21.38 7.08 2.54
C ASP A 137 -21.38 7.08 2.54
N ARG A 138 -22.00 7.50 1.43
CA ARG A 138 -21.31 8.30 0.36
C ARG A 138 -21.04 9.69 0.87
N GLU A 139 -21.73 10.16 1.91
CA GLU A 139 -21.42 11.46 2.47
C GLU A 139 -20.06 11.44 3.12
N VAL A 140 -19.83 10.40 3.94
N VAL A 140 -19.83 10.40 3.94
N VAL A 140 -19.75 10.45 3.94
N VAL A 140 -19.75 10.45 3.94
CA VAL A 140 -18.54 10.06 4.61
CA VAL A 140 -18.54 10.06 4.61
CA VAL A 140 -18.42 10.42 4.56
CA VAL A 140 -18.42 10.42 4.56
C VAL A 140 -17.45 10.03 3.54
C VAL A 140 -17.45 10.03 3.54
C VAL A 140 -17.38 10.13 3.46
C VAL A 140 -17.38 10.13 3.46
N THR A 141 -17.72 9.29 2.48
CA THR A 141 -16.76 9.05 1.39
C THR A 141 -16.37 10.38 0.71
N LYS A 142 -17.33 11.20 0.34
CA LYS A 142 -17.09 12.51 -0.24
C LYS A 142 -16.29 13.41 0.69
N LYS A 143 -16.58 13.40 1.98
CA LYS A 143 -15.86 14.23 3.00
C LYS A 143 -14.40 13.88 3.02
N LEU A 144 -14.08 12.59 2.89
CA LEU A 144 -12.67 12.15 2.89
C LEU A 144 -11.97 12.67 1.65
N VAL A 145 -12.59 12.55 0.48
CA VAL A 145 -12.07 13.09 -0.78
C VAL A 145 -11.85 14.61 -0.68
N ARG A 146 -12.84 15.31 -0.16
CA ARG A 146 -12.73 16.76 -0.02
C ARG A 146 -11.66 17.16 0.95
N GLN A 147 -11.51 16.46 2.08
CA GLN A 147 -10.42 16.71 3.01
C GLN A 147 -9.05 16.48 2.36
N ALA A 148 -8.89 15.42 1.57
CA ALA A 148 -7.61 15.12 0.91
C ALA A 148 -7.31 16.27 -0.01
N GLU A 149 -8.28 16.78 -0.77
CA GLU A 149 -8.10 17.94 -1.67
C GLU A 149 -7.62 19.17 -0.90
N LYS A 150 -8.31 19.47 0.20
CA LYS A 150 -8.05 20.71 0.96
C LYS A 150 -6.70 20.63 1.61
N MET A 151 -6.29 19.42 2.00
CA MET A 151 -5.05 19.24 2.76
C MET A 151 -3.83 18.88 1.93
N GLY A 152 -3.91 19.02 0.61
CA GLY A 152 -2.78 18.96 -0.26
C GLY A 152 -2.32 17.55 -0.62
N TYR A 153 -3.21 16.59 -0.50
CA TYR A 153 -2.92 15.23 -1.01
C TYR A 153 -3.02 15.28 -2.53
N LYS A 154 -2.19 14.50 -3.21
CA LYS A 154 -2.05 14.61 -4.63
C LYS A 154 -2.73 13.59 -5.50
N ALA A 155 -3.30 12.53 -4.89
CA ALA A 155 -4.02 11.54 -5.61
C ALA A 155 -4.88 10.75 -4.66
N ILE A 156 -5.85 10.04 -5.25
CA ILE A 156 -6.74 9.12 -4.57
C ILE A 156 -6.43 7.73 -5.12
N PHE A 157 -6.12 6.79 -4.20
CA PHE A 157 -5.96 5.35 -4.55
C PHE A 157 -7.22 4.67 -4.07
N VAL A 158 -8.10 4.35 -5.03
CA VAL A 158 -9.37 3.72 -4.63
C VAL A 158 -9.14 2.19 -4.60
N THR A 159 -9.34 1.61 -3.43
CA THR A 159 -9.19 0.16 -3.33
C THR A 159 -10.41 -0.55 -3.83
N VAL A 160 -10.22 -1.42 -4.81
CA VAL A 160 -11.35 -2.08 -5.49
C VAL A 160 -11.45 -3.57 -5.27
N ASP A 161 -10.62 -4.15 -4.38
CA ASP A 161 -10.60 -5.61 -4.19
C ASP A 161 -11.18 -6.06 -2.87
N THR A 162 -11.89 -5.16 -2.17
CA THR A 162 -12.39 -5.42 -0.84
C THR A 162 -13.88 -5.14 -0.70
N PRO A 163 -14.74 -5.79 -1.52
CA PRO A 163 -16.19 -5.66 -1.25
C PRO A 163 -16.55 -6.21 0.12
N TYR A 164 -15.84 -7.23 0.57
CA TYR A 164 -15.85 -7.80 1.92
C TYR A 164 -14.40 -8.02 2.31
N LEU A 165 -14.14 -8.17 3.61
N LEU A 165 -14.14 -8.17 3.61
N LEU A 165 -14.11 -8.08 3.61
N LEU A 165 -14.11 -8.08 3.61
CA LEU A 165 -12.79 -8.47 4.06
CA LEU A 165 -12.79 -8.47 4.06
CA LEU A 165 -12.74 -8.39 4.04
CA LEU A 165 -12.74 -8.39 4.04
C LEU A 165 -12.43 -9.93 3.83
C LEU A 165 -12.43 -9.93 3.83
C LEU A 165 -12.42 -9.88 3.83
C LEU A 165 -12.42 -9.88 3.83
N GLY A 166 -11.17 -10.17 3.48
CA GLY A 166 -10.67 -11.55 3.43
C GLY A 166 -10.70 -12.22 4.78
N ASN A 167 -10.62 -13.54 4.80
CA ASN A 167 -10.64 -14.37 6.01
C ASN A 167 -9.21 -14.66 6.39
N ARG A 168 -8.69 -13.92 7.37
N ARG A 168 -8.69 -13.92 7.37
CA ARG A 168 -7.33 -14.11 7.89
CA ARG A 168 -7.33 -14.11 7.89
C ARG A 168 -7.52 -14.92 9.17
C ARG A 168 -7.52 -14.92 9.17
N LEU A 169 -7.06 -16.15 9.15
N LEU A 169 -7.06 -16.15 9.15
CA LEU A 169 -7.42 -17.11 10.16
CA LEU A 169 -7.42 -17.11 10.16
C LEU A 169 -6.89 -16.68 11.55
C LEU A 169 -6.89 -16.68 11.55
N ASP A 170 -5.69 -16.14 11.62
N ASP A 170 -5.69 -16.14 11.62
CA ASP A 170 -5.16 -15.71 12.92
CA ASP A 170 -5.16 -15.71 12.92
C ASP A 170 -6.02 -14.61 13.56
C ASP A 170 -6.02 -14.61 13.56
N ASP A 171 -6.55 -13.68 12.77
N ASP A 171 -6.55 -13.68 12.77
CA ASP A 171 -7.43 -12.61 13.31
CA ASP A 171 -7.43 -12.61 13.31
C ASP A 171 -8.72 -13.18 13.88
C ASP A 171 -8.72 -13.18 13.88
N VAL A 172 -9.23 -14.25 13.26
N VAL A 172 -9.23 -14.25 13.26
CA VAL A 172 -10.41 -14.92 13.79
CA VAL A 172 -10.41 -14.92 13.79
C VAL A 172 -10.04 -15.61 15.10
C VAL A 172 -10.04 -15.61 15.10
N ARG A 173 -8.91 -16.34 15.14
N ARG A 173 -8.91 -16.34 15.14
CA ARG A 173 -8.44 -17.02 16.35
CA ARG A 173 -8.44 -17.02 16.35
C ARG A 173 -8.18 -16.05 17.51
C ARG A 173 -8.18 -16.05 17.51
N ASN A 174 -7.47 -14.95 17.21
N ASN A 174 -7.47 -14.95 17.21
CA ASN A 174 -7.17 -13.90 18.21
CA ASN A 174 -7.17 -13.90 18.21
C ASN A 174 -8.34 -12.89 18.47
C ASN A 174 -8.34 -12.89 18.47
N ARG A 175 -9.50 -13.06 17.82
N ARG A 175 -9.50 -13.06 17.82
CA ARG A 175 -10.60 -12.05 17.79
CA ARG A 175 -10.60 -12.05 17.79
C ARG A 175 -10.08 -10.61 17.69
C ARG A 175 -10.08 -10.61 17.69
N PHE A 176 -9.43 -10.31 16.56
N PHE A 176 -9.43 -10.31 16.56
CA PHE A 176 -8.72 -9.04 16.42
CA PHE A 176 -8.72 -9.04 16.42
C PHE A 176 -9.63 -7.82 16.67
C PHE A 176 -9.63 -7.82 16.67
N LYS A 177 -9.11 -6.87 17.45
N LYS A 177 -9.11 -6.87 17.45
CA LYS A 177 -9.71 -5.56 17.64
CA LYS A 177 -9.71 -5.56 17.64
C LYS A 177 -8.60 -4.54 17.84
C LYS A 177 -8.60 -4.54 17.84
N LEU A 178 -8.93 -3.25 17.80
N LEU A 178 -8.93 -3.25 17.80
CA LEU A 178 -7.98 -2.22 18.22
CA LEU A 178 -7.98 -2.22 18.22
C LEU A 178 -7.68 -2.31 19.72
C LEU A 178 -7.68 -2.31 19.72
N PRO A 179 -6.44 -1.97 20.14
N PRO A 179 -6.44 -1.97 20.14
CA PRO A 179 -6.20 -1.73 21.56
CA PRO A 179 -6.20 -1.73 21.56
C PRO A 179 -7.11 -0.59 22.05
C PRO A 179 -7.11 -0.59 22.05
N PRO A 180 -7.43 -0.58 23.37
N PRO A 180 -7.43 -0.58 23.37
CA PRO A 180 -8.45 0.33 23.91
CA PRO A 180 -8.45 0.33 23.91
C PRO A 180 -8.23 1.84 23.74
C PRO A 180 -8.23 1.84 23.74
N GLN A 181 -6.98 2.30 23.67
N GLN A 181 -6.98 2.30 23.67
CA GLN A 181 -6.67 3.73 23.56
CA GLN A 181 -6.67 3.73 23.56
C GLN A 181 -6.52 4.25 22.12
C GLN A 181 -6.52 4.25 22.12
N LEU A 182 -6.95 3.48 21.12
N LEU A 182 -6.95 3.48 21.12
CA LEU A 182 -6.82 3.86 19.71
CA LEU A 182 -6.82 3.86 19.71
C LEU A 182 -8.19 3.90 19.02
C LEU A 182 -8.19 3.90 19.02
N ARG A 183 -8.26 4.68 17.94
N ARG A 183 -8.26 4.68 17.94
CA ARG A 183 -9.44 4.73 17.06
CA ARG A 183 -9.44 4.73 17.06
C ARG A 183 -9.04 5.00 15.62
C ARG A 183 -9.04 5.00 15.62
N MET A 184 -9.89 4.62 14.67
N MET A 184 -9.89 4.62 14.67
CA MET A 184 -9.76 5.06 13.28
CA MET A 184 -9.76 5.06 13.28
C MET A 184 -10.23 6.51 13.23
C MET A 184 -10.23 6.51 13.23
N LYS A 185 -9.29 7.43 13.03
N LYS A 185 -9.29 7.43 13.03
CA LYS A 185 -9.51 8.86 13.33
CA LYS A 185 -9.51 8.86 13.33
C LYS A 185 -10.21 9.73 12.30
C LYS A 185 -10.21 9.73 12.30
N ASN A 186 -10.66 9.19 11.17
N ASN A 186 -10.66 9.19 11.17
CA ASN A 186 -11.28 10.02 10.12
CA ASN A 186 -11.28 10.02 10.12
C ASN A 186 -12.82 10.02 10.10
C ASN A 186 -12.82 10.02 10.10
N PHE A 187 -13.42 9.42 11.12
N PHE A 187 -13.42 9.42 11.12
CA PHE A 187 -14.86 9.18 11.16
CA PHE A 187 -14.86 9.18 11.16
C PHE A 187 -15.42 9.62 12.51
C PHE A 187 -15.42 9.62 12.51
N ASP A 203 -15.83 -13.22 16.03
N ASP A 203 -15.83 -13.22 16.03
CA ASP A 203 -14.80 -13.56 15.01
CA ASP A 203 -14.80 -13.56 15.01
C ASP A 203 -13.82 -12.38 14.87
C ASP A 203 -13.82 -12.38 14.87
N SER A 204 -13.33 -12.08 13.65
N SER A 204 -13.33 -12.08 13.65
CA SER A 204 -12.50 -10.90 13.47
CA SER A 204 -12.50 -10.90 13.47
C SER A 204 -13.36 -9.65 13.58
C SER A 204 -13.36 -9.65 13.58
N GLY A 205 -12.97 -8.74 14.47
N GLY A 205 -12.97 -8.74 14.47
CA GLY A 205 -13.65 -7.46 14.59
CA GLY A 205 -13.65 -7.46 14.59
C GLY A 205 -13.56 -6.66 13.30
C GLY A 205 -13.56 -6.66 13.30
N LEU A 206 -12.43 -6.79 12.60
N LEU A 206 -12.43 -6.79 12.60
CA LEU A 206 -12.26 -6.00 11.38
CA LEU A 206 -12.26 -6.00 11.38
C LEU A 206 -13.15 -6.51 10.27
C LEU A 206 -13.15 -6.51 10.27
N ALA A 207 -13.30 -7.84 10.15
N ALA A 207 -13.30 -7.84 10.15
N ALA A 207 -15.15 -1.01 16.36
N ALA A 207 -15.15 -1.01 16.36
CA ALA A 207 -14.22 -8.38 9.14
CA ALA A 207 -14.22 -8.38 9.14
CA ALA A 207 -14.23 -1.50 15.35
CA ALA A 207 -14.23 -1.50 15.35
C ALA A 207 -15.64 -7.91 9.36
C ALA A 207 -15.64 -7.91 9.36
C ALA A 207 -14.86 -2.49 14.38
C ALA A 207 -14.86 -2.49 14.38
N ALA A 208 -16.08 -7.91 10.63
N ALA A 208 -16.08 -7.91 10.63
N ALA A 208 -15.69 -3.40 14.90
N ALA A 208 -15.69 -3.40 14.90
CA ALA A 208 -17.39 -7.39 11.01
CA ALA A 208 -17.39 -7.39 11.01
CA ALA A 208 -16.40 -4.40 14.09
CA ALA A 208 -16.40 -4.40 14.09
C ALA A 208 -17.56 -5.88 10.74
C ALA A 208 -17.56 -5.88 10.74
C ALA A 208 -17.41 -3.76 13.14
C ALA A 208 -17.41 -3.76 13.14
N TYR A 209 -16.50 -5.11 11.01
N TYR A 209 -16.50 -5.11 11.01
N TYR A 209 -18.07 -2.69 13.60
N TYR A 209 -18.07 -2.69 13.60
CA TYR A 209 -16.49 -3.67 10.71
CA TYR A 209 -16.49 -3.67 10.71
CA TYR A 209 -19.00 -1.91 12.76
CA TYR A 209 -19.00 -1.91 12.76
C TYR A 209 -16.74 -3.43 9.23
C TYR A 209 -16.74 -3.43 9.23
C TYR A 209 -18.30 -1.22 11.58
C TYR A 209 -18.30 -1.22 11.58
N VAL A 210 -15.98 -4.14 8.40
N VAL A 210 -15.98 -4.14 8.40
N VAL A 210 -17.12 -0.69 11.85
N VAL A 210 -17.12 -0.69 11.85
CA VAL A 210 -16.12 -4.03 6.95
CA VAL A 210 -16.12 -4.03 6.95
CA VAL A 210 -16.30 0.01 10.87
CA VAL A 210 -16.30 0.01 10.87
C VAL A 210 -17.54 -4.35 6.49
C VAL A 210 -17.54 -4.35 6.49
C VAL A 210 -15.80 -0.95 9.77
C VAL A 210 -15.80 -0.95 9.77
N ALA A 211 -18.10 -5.45 6.98
N ALA A 211 -18.10 -5.45 6.98
N ALA A 211 -15.43 -2.17 10.15
N ALA A 211 -15.43 -2.17 10.15
CA ALA A 211 -19.46 -5.84 6.57
CA ALA A 211 -19.46 -5.84 6.57
CA ALA A 211 -14.98 -3.20 9.21
CA ALA A 211 -14.98 -3.20 9.21
C ALA A 211 -20.49 -4.73 6.88
C ALA A 211 -20.49 -4.73 6.88
C ALA A 211 -15.99 -3.53 8.10
C ALA A 211 -15.99 -3.53 8.10
N LYS A 212 -20.31 -4.05 8.02
N LYS A 212 -20.31 -4.05 8.02
N LYS A 212 -17.29 -3.49 8.44
N LYS A 212 -17.29 -3.49 8.44
CA LYS A 212 -21.19 -2.94 8.41
CA LYS A 212 -21.19 -2.94 8.41
CA LYS A 212 -18.39 -3.79 7.50
CA LYS A 212 -18.39 -3.79 7.50
C LYS A 212 -20.95 -1.66 7.65
C LYS A 212 -20.95 -1.66 7.65
C LYS A 212 -18.94 -2.59 6.71
C LYS A 212 -18.94 -2.59 6.71
N ALA A 213 -19.69 -1.31 7.33
N ALA A 213 -19.69 -1.31 7.33
N ALA A 213 -18.31 -1.42 6.89
N ALA A 213 -18.31 -1.42 6.89
CA ALA A 213 -19.30 0.01 6.80
CA ALA A 213 -19.30 0.01 6.80
CA ALA A 213 -18.76 -0.15 6.28
CA ALA A 213 -18.76 -0.15 6.28
C ALA A 213 -18.99 0.09 5.31
C ALA A 213 -18.99 0.09 5.31
C ALA A 213 -18.49 -0.04 4.77
C ALA A 213 -18.49 -0.04 4.77
N ILE A 214 -18.36 -0.94 4.75
N ILE A 214 -18.36 -0.94 4.75
N ILE A 214 -17.54 -0.83 4.28
N ILE A 214 -17.54 -0.83 4.28
CA ILE A 214 -17.89 -0.94 3.37
CA ILE A 214 -17.89 -0.94 3.37
CA ILE A 214 -17.30 -0.91 2.84
CA ILE A 214 -17.30 -0.91 2.84
C ILE A 214 -18.95 -1.51 2.40
C ILE A 214 -18.95 -1.51 2.40
C ILE A 214 -18.56 -1.38 2.16
C ILE A 214 -18.56 -1.38 2.16
N ASP A 215 -19.13 -0.85 1.26
N ASP A 215 -19.13 -0.85 1.26
N ASP A 215 -18.81 -0.83 0.99
N ASP A 215 -18.81 -0.83 0.99
CA ASP A 215 -20.21 -1.18 0.31
CA ASP A 215 -20.21 -1.18 0.31
CA ASP A 215 -20.00 -1.17 0.27
CA ASP A 215 -20.00 -1.17 0.27
C ASP A 215 -19.81 -2.32 -0.63
C ASP A 215 -19.81 -2.32 -0.63
C ASP A 215 -19.78 -2.33 -0.70
C ASP A 215 -19.78 -2.33 -0.70
N PRO A 216 -20.42 -3.50 -0.44
CA PRO A 216 -20.15 -4.64 -1.37
C PRO A 216 -20.80 -4.51 -2.75
N SER A 217 -21.70 -3.54 -2.90
CA SER A 217 -22.34 -3.29 -4.15
C SER A 217 -21.59 -2.50 -5.14
N ILE A 218 -20.43 -2.02 -4.79
CA ILE A 218 -19.91 -1.07 -5.78
C ILE A 218 -19.53 -1.68 -7.13
N SER A 219 -19.67 -0.87 -8.16
CA SER A 219 -19.45 -1.29 -9.51
C SER A 219 -18.73 -0.18 -10.22
N TRP A 220 -18.53 -0.39 -11.50
CA TRP A 220 -17.94 0.62 -12.35
C TRP A 220 -18.75 1.91 -12.33
N GLU A 221 -20.05 1.80 -12.05
CA GLU A 221 -20.84 3.02 -11.95
C GLU A 221 -20.40 3.93 -10.83
N ASP A 222 -19.93 3.35 -9.73
CA ASP A 222 -19.39 4.08 -8.60
C ASP A 222 -18.02 4.68 -8.92
N ILE A 223 -17.25 4.03 -9.78
CA ILE A 223 -15.98 4.61 -10.29
C ILE A 223 -16.30 5.87 -11.10
N LYS A 224 -17.36 5.80 -11.92
CA LYS A 224 -17.83 6.98 -12.67
C LYS A 224 -18.17 8.11 -11.74
N TRP A 225 -18.85 7.82 -10.64
CA TRP A 225 -19.22 8.78 -9.63
C TRP A 225 -17.96 9.43 -9.02
N LEU A 226 -16.98 8.61 -8.69
CA LEU A 226 -15.77 9.10 -8.03
C LEU A 226 -14.96 9.97 -9.03
N ARG A 227 -14.94 9.59 -10.31
CA ARG A 227 -14.22 10.31 -11.35
C ARG A 227 -14.87 11.72 -11.51
N ARG A 228 -16.17 11.80 -11.39
CA ARG A 228 -16.90 13.10 -11.50
C ARG A 228 -16.70 13.95 -10.23
N LEU A 229 -16.49 13.33 -9.07
CA LEU A 229 -16.40 13.93 -7.79
C LEU A 229 -15.14 14.77 -7.59
N THR A 230 -14.01 14.30 -8.12
CA THR A 230 -12.75 14.97 -7.95
C THR A 230 -11.95 15.06 -9.25
N SER A 231 -11.19 16.13 -9.37
CA SER A 231 -10.23 16.29 -10.44
C SER A 231 -8.84 15.72 -10.06
N LEU A 232 -8.65 15.34 -8.79
CA LEU A 232 -7.37 14.67 -8.47
C LEU A 232 -7.17 13.42 -9.31
N PRO A 233 -5.92 13.07 -9.56
CA PRO A 233 -5.62 11.76 -10.16
C PRO A 233 -6.16 10.62 -9.27
N ILE A 234 -6.73 9.65 -9.97
CA ILE A 234 -7.31 8.45 -9.29
C ILE A 234 -6.60 7.24 -9.82
N VAL A 235 -6.11 6.39 -8.87
CA VAL A 235 -5.48 5.13 -9.22
C VAL A 235 -6.36 3.98 -8.67
N ALA A 236 -6.62 3.00 -9.55
CA ALA A 236 -7.38 1.78 -9.11
C ALA A 236 -6.38 0.81 -8.47
N LYS A 237 -6.62 0.55 -7.20
CA LYS A 237 -5.74 -0.33 -6.40
C LYS A 237 -6.37 -1.68 -6.18
N GLY A 238 -5.70 -2.73 -6.60
CA GLY A 238 -6.20 -4.12 -6.46
C GLY A 238 -6.59 -4.79 -7.72
N ILE A 239 -6.28 -4.24 -8.88
CA ILE A 239 -6.55 -4.87 -10.14
C ILE A 239 -5.55 -5.96 -10.43
N LEU A 240 -6.05 -7.11 -10.90
CA LEU A 240 -5.27 -8.30 -11.22
C LEU A 240 -5.50 -8.82 -12.63
N ARG A 241 -6.42 -8.25 -13.39
CA ARG A 241 -6.75 -8.69 -14.76
C ARG A 241 -6.56 -7.54 -15.76
N GLY A 242 -6.09 -7.92 -16.92
CA GLY A 242 -5.92 -6.93 -18.02
C GLY A 242 -7.22 -6.30 -18.47
N ASP A 243 -8.30 -7.08 -18.51
CA ASP A 243 -9.61 -6.52 -18.91
C ASP A 243 -10.06 -5.44 -17.97
N ASP A 244 -9.93 -5.68 -16.64
CA ASP A 244 -10.28 -4.70 -15.63
C ASP A 244 -9.38 -3.43 -15.72
N ALA A 245 -8.09 -3.63 -16.00
CA ALA A 245 -7.20 -2.51 -16.15
C ALA A 245 -7.66 -1.62 -17.34
N ARG A 246 -8.06 -2.26 -18.44
N ARG A 246 -8.06 -2.26 -18.44
N ARG A 246 -8.08 -2.22 -18.43
N ARG A 246 -8.08 -2.22 -18.43
CA ARG A 246 -8.54 -1.54 -19.62
CA ARG A 246 -8.54 -1.54 -19.62
CA ARG A 246 -8.53 -1.41 -19.56
CA ARG A 246 -8.53 -1.41 -19.56
C ARG A 246 -9.84 -0.78 -19.29
C ARG A 246 -9.84 -0.78 -19.29
C ARG A 246 -9.83 -0.71 -19.23
C ARG A 246 -9.83 -0.71 -19.23
N GLU A 247 -10.72 -1.38 -18.49
CA GLU A 247 -11.93 -0.74 -18.03
C GLU A 247 -11.62 0.48 -17.18
N ALA A 248 -10.60 0.41 -16.30
CA ALA A 248 -10.23 1.54 -15.52
C ALA A 248 -9.74 2.75 -16.38
N VAL A 249 -8.99 2.43 -17.39
CA VAL A 249 -8.50 3.45 -18.33
C VAL A 249 -9.73 4.07 -19.05
N LYS A 250 -10.66 3.23 -19.48
CA LYS A 250 -11.88 3.74 -20.18
C LYS A 250 -12.73 4.66 -19.29
N HIS A 251 -12.70 4.49 -17.97
CA HIS A 251 -13.38 5.31 -17.00
C HIS A 251 -12.64 6.57 -16.58
N GLY A 252 -11.49 6.80 -17.22
CA GLY A 252 -10.75 8.05 -17.06
C GLY A 252 -9.85 8.03 -15.82
N LEU A 253 -9.56 6.82 -15.29
CA LEU A 253 -8.64 6.77 -14.21
C LEU A 253 -7.20 6.95 -14.72
N ASN A 254 -6.33 7.29 -13.77
CA ASN A 254 -4.99 7.79 -14.12
C ASN A 254 -3.83 6.86 -13.74
N GLY A 255 -4.14 5.66 -13.26
CA GLY A 255 -3.08 4.68 -12.98
C GLY A 255 -3.71 3.41 -12.45
N ILE A 256 -2.93 2.35 -12.44
CA ILE A 256 -3.33 1.04 -11.93
C ILE A 256 -2.28 0.63 -10.92
N LEU A 257 -2.70 0.29 -9.71
CA LEU A 257 -1.82 -0.33 -8.69
C LEU A 257 -2.12 -1.84 -8.68
N VAL A 258 -1.27 -2.61 -9.36
CA VAL A 258 -1.34 -4.06 -9.39
C VAL A 258 -1.04 -4.56 -7.99
N SER A 259 -2.04 -5.17 -7.36
CA SER A 259 -2.03 -5.50 -5.95
C SER A 259 -2.99 -6.60 -5.70
N ASN A 260 -2.57 -7.52 -4.82
CA ASN A 260 -3.46 -8.53 -4.23
C ASN A 260 -3.71 -8.25 -2.78
N HIS A 261 -3.56 -6.97 -2.40
CA HIS A 261 -3.89 -6.52 -1.03
C HIS A 261 -2.95 -7.19 0.00
N GLY A 262 -1.68 -7.36 -0.38
CA GLY A 262 -0.73 -8.01 0.50
C GLY A 262 -1.13 -9.46 0.76
N ALA A 263 -1.84 -10.09 -0.17
CA ALA A 263 -2.25 -11.48 -0.08
C ALA A 263 -3.28 -11.69 1.02
N ARG A 264 -4.05 -10.66 1.37
CA ARG A 264 -5.00 -10.66 2.46
C ARG A 264 -6.44 -10.77 2.03
N GLN A 265 -6.72 -10.82 0.75
CA GLN A 265 -8.12 -10.82 0.28
C GLN A 265 -8.43 -12.21 -0.27
N LEU A 266 -8.41 -12.39 -1.60
CA LEU A 266 -8.65 -13.74 -2.18
C LEU A 266 -7.34 -14.52 -2.22
N ASP A 267 -7.27 -15.64 -1.49
CA ASP A 267 -6.07 -16.47 -1.56
C ASP A 267 -6.11 -17.33 -2.80
N GLY A 268 -4.95 -17.54 -3.38
CA GLY A 268 -4.74 -18.28 -4.58
C GLY A 268 -4.78 -17.47 -5.86
N VAL A 269 -4.81 -16.17 -5.73
CA VAL A 269 -4.50 -15.28 -6.88
C VAL A 269 -2.98 -15.34 -7.13
N PRO A 270 -2.53 -15.00 -8.32
CA PRO A 270 -1.10 -14.97 -8.59
C PRO A 270 -0.38 -13.88 -7.81
N ALA A 271 0.92 -14.07 -7.75
CA ALA A 271 1.82 -13.01 -7.26
C ALA A 271 1.70 -11.79 -8.15
N THR A 272 1.82 -10.58 -7.55
CA THR A 272 1.70 -9.35 -8.31
C THR A 272 2.79 -9.20 -9.39
N ILE A 273 4.02 -9.69 -9.13
CA ILE A 273 5.08 -9.56 -10.12
C ILE A 273 4.78 -10.42 -11.33
N ASP A 274 4.02 -11.52 -11.14
CA ASP A 274 3.63 -12.36 -12.26
C ASP A 274 2.53 -11.81 -13.10
N VAL A 275 1.61 -11.05 -12.52
CA VAL A 275 0.52 -10.47 -13.34
C VAL A 275 0.89 -9.13 -13.88
N LEU A 276 1.94 -8.48 -13.36
CA LEU A 276 2.37 -7.16 -13.83
C LEU A 276 2.53 -7.05 -15.36
N PRO A 277 3.23 -8.00 -16.01
CA PRO A 277 3.39 -7.83 -17.48
C PRO A 277 2.08 -7.79 -18.21
N GLU A 278 1.09 -8.58 -17.81
CA GLU A 278 -0.20 -8.57 -18.56
C GLU A 278 -0.83 -7.22 -18.44
N ILE A 279 -0.76 -6.62 -17.25
CA ILE A 279 -1.40 -5.32 -17.01
C ILE A 279 -0.70 -4.20 -17.73
N VAL A 280 0.65 -4.20 -17.66
CA VAL A 280 1.40 -3.21 -18.47
C VAL A 280 1.06 -3.32 -19.97
N GLU A 281 0.96 -4.49 -20.49
CA GLU A 281 0.57 -4.68 -21.91
C GLU A 281 -0.82 -4.16 -22.18
N ALA A 282 -1.75 -4.49 -21.28
CA ALA A 282 -3.15 -4.13 -21.49
C ALA A 282 -3.39 -2.65 -21.56
N VAL A 283 -2.67 -1.83 -20.80
CA VAL A 283 -2.97 -0.41 -20.73
C VAL A 283 -2.26 0.40 -21.85
N GLU A 284 -1.36 -0.21 -22.57
CA GLU A 284 -0.79 0.39 -23.82
C GLU A 284 -0.17 1.76 -23.53
N GLY A 285 0.44 1.94 -22.35
CA GLY A 285 1.06 3.19 -22.01
C GLY A 285 0.18 4.38 -21.70
N LYS A 286 -1.13 4.14 -21.58
N LYS A 286 -1.13 4.14 -21.58
N LYS A 286 -1.13 4.14 -21.58
N LYS A 286 -1.13 4.14 -21.58
CA LYS A 286 -2.06 5.22 -21.37
CA LYS A 286 -2.06 5.22 -21.37
CA LYS A 286 -2.06 5.22 -21.37
CA LYS A 286 -2.06 5.22 -21.37
C LYS A 286 -2.01 5.79 -19.97
C LYS A 286 -2.01 5.79 -19.97
C LYS A 286 -2.01 5.79 -19.97
C LYS A 286 -2.01 5.79 -19.97
N VAL A 287 -1.67 4.94 -19.00
CA VAL A 287 -1.55 5.34 -17.59
C VAL A 287 -0.35 4.57 -16.96
N GLU A 288 0.17 5.15 -15.91
CA GLU A 288 1.24 4.51 -15.08
C GLU A 288 0.67 3.27 -14.40
N VAL A 289 1.51 2.26 -14.32
CA VAL A 289 1.24 1.03 -13.59
C VAL A 289 2.22 0.85 -12.44
N PHE A 290 1.71 0.59 -11.24
CA PHE A 290 2.47 0.45 -10.01
C PHE A 290 2.32 -0.99 -9.52
N LEU A 291 3.17 -1.42 -8.59
CA LEU A 291 3.05 -2.75 -7.98
C LEU A 291 3.23 -2.68 -6.48
N ASP A 292 2.51 -3.52 -5.73
CA ASP A 292 2.84 -3.83 -4.36
C ASP A 292 2.64 -5.34 -4.16
N GLY A 293 3.15 -5.82 -3.03
CA GLY A 293 3.06 -7.23 -2.71
C GLY A 293 4.42 -7.93 -2.78
N GLY A 294 5.04 -8.16 -1.62
CA GLY A 294 6.25 -8.93 -1.59
C GLY A 294 7.52 -8.18 -1.84
N VAL A 295 7.53 -6.85 -1.92
CA VAL A 295 8.76 -6.10 -2.14
C VAL A 295 9.52 -6.04 -0.81
N ARG A 296 10.73 -6.63 -0.80
CA ARG A 296 11.60 -6.70 0.40
C ARG A 296 13.00 -6.30 0.12
N LYS A 297 13.41 -6.23 -1.14
CA LYS A 297 14.82 -6.07 -1.55
C LYS A 297 14.92 -5.18 -2.70
N GLY A 298 16.09 -4.52 -2.82
CA GLY A 298 16.33 -3.68 -4.00
C GLY A 298 16.20 -4.40 -5.34
N THR A 299 16.58 -5.69 -5.41
CA THR A 299 16.40 -6.42 -6.68
C THR A 299 14.91 -6.62 -7.03
N ASP A 300 14.04 -6.64 -6.01
CA ASP A 300 12.59 -6.74 -6.28
C ASP A 300 12.13 -5.49 -7.00
N VAL A 301 12.58 -4.33 -6.52
CA VAL A 301 12.25 -3.06 -7.15
C VAL A 301 12.73 -3.04 -8.62
N LEU A 302 13.98 -3.49 -8.84
CA LEU A 302 14.56 -3.49 -10.16
C LEU A 302 13.77 -4.39 -11.11
N LYS A 303 13.38 -5.58 -10.63
CA LYS A 303 12.58 -6.47 -11.46
C LYS A 303 11.22 -5.86 -11.84
N ALA A 304 10.56 -5.23 -10.88
CA ALA A 304 9.29 -4.61 -11.19
C ALA A 304 9.41 -3.49 -12.24
N LEU A 305 10.45 -2.68 -12.10
CA LEU A 305 10.67 -1.60 -13.08
C LEU A 305 11.05 -2.17 -14.45
N ALA A 306 11.80 -3.25 -14.47
CA ALA A 306 12.17 -3.86 -15.79
C ALA A 306 10.93 -4.35 -16.54
N LEU A 307 9.94 -4.83 -15.75
CA LEU A 307 8.69 -5.32 -16.31
C LEU A 307 7.69 -4.22 -16.52
N GLY A 308 8.03 -2.95 -16.26
CA GLY A 308 7.21 -1.86 -16.74
C GLY A 308 6.49 -1.07 -15.68
N ALA A 309 6.60 -1.44 -14.40
CA ALA A 309 6.08 -0.61 -13.32
C ALA A 309 6.80 0.71 -13.20
N LYS A 310 6.12 1.78 -12.92
CA LYS A 310 6.78 3.07 -12.67
C LYS A 310 7.40 3.14 -11.31
N ALA A 311 6.76 2.51 -10.32
CA ALA A 311 7.23 2.54 -8.94
C ALA A 311 6.51 1.41 -8.22
N VAL A 312 7.08 1.07 -7.06
CA VAL A 312 6.48 0.06 -6.20
C VAL A 312 6.14 0.68 -4.84
N PHE A 313 5.23 0.02 -4.14
CA PHE A 313 4.79 0.36 -2.80
C PHE A 313 5.14 -0.75 -1.85
N VAL A 314 5.55 -0.38 -0.65
CA VAL A 314 5.83 -1.32 0.43
C VAL A 314 4.82 -1.18 1.53
N GLY A 315 4.33 -2.30 2.04
CA GLY A 315 3.36 -2.32 3.10
C GLY A 315 4.00 -2.75 4.41
N ARG A 316 4.14 -4.04 4.65
CA ARG A 316 4.60 -4.57 5.95
C ARG A 316 5.97 -4.01 6.35
N PRO A 317 6.95 -3.86 5.43
CA PRO A 317 8.30 -3.40 5.89
C PRO A 317 8.18 -2.08 6.69
N ILE A 318 7.25 -1.19 6.35
CA ILE A 318 7.08 0.08 7.03
C ILE A 318 6.62 -0.16 8.44
N VAL A 319 5.67 -1.06 8.64
CA VAL A 319 5.19 -1.39 9.96
C VAL A 319 6.31 -1.96 10.82
N TRP A 320 7.16 -2.81 10.26
CA TRP A 320 8.29 -3.32 11.03
C TRP A 320 9.28 -2.20 11.42
N GLY A 321 9.47 -1.24 10.54
CA GLY A 321 10.27 -0.02 10.87
C GLY A 321 9.67 0.73 12.03
N LEU A 322 8.37 0.94 12.02
CA LEU A 322 7.69 1.61 13.16
C LEU A 322 7.92 0.81 14.43
N ALA A 323 7.71 -0.49 14.39
CA ALA A 323 7.84 -1.35 15.61
C ALA A 323 9.24 -1.25 16.20
N PHE A 324 10.27 -1.15 15.35
CA PHE A 324 11.66 -0.98 15.82
C PHE A 324 11.86 0.35 16.50
N GLN A 325 11.53 1.42 15.82
CA GLN A 325 11.89 2.80 16.29
C GLN A 325 11.13 3.91 15.71
N GLY A 326 9.83 3.77 15.48
CA GLY A 326 9.04 4.83 15.01
C GLY A 326 9.58 5.50 13.75
N GLU A 327 9.65 6.81 13.70
CA GLU A 327 10.09 7.54 12.58
C GLU A 327 11.49 7.09 12.10
N LYS A 328 12.44 6.95 13.02
CA LYS A 328 13.78 6.53 12.69
C LYS A 328 13.78 5.16 12.10
N GLY A 329 12.98 4.22 12.58
CA GLY A 329 12.92 2.84 12.10
C GLY A 329 12.30 2.83 10.69
N VAL A 330 11.30 3.63 10.41
CA VAL A 330 10.75 3.76 9.04
C VAL A 330 11.84 4.33 8.10
N GLN A 331 12.57 5.38 8.55
CA GLN A 331 13.62 5.98 7.76
C GLN A 331 14.68 4.95 7.48
N ASP A 332 15.02 4.12 8.46
CA ASP A 332 16.06 3.09 8.26
C ASP A 332 15.62 2.08 7.18
N VAL A 333 14.37 1.62 7.27
CA VAL A 333 13.85 0.63 6.33
C VAL A 333 13.88 1.23 4.90
N LEU A 334 13.44 2.48 4.75
CA LEU A 334 13.46 3.12 3.44
C LEU A 334 14.85 3.34 2.95
N GLU A 335 15.79 3.69 3.81
CA GLU A 335 17.17 3.83 3.39
C GLU A 335 17.80 2.50 3.02
N ILE A 336 17.50 1.41 3.67
CA ILE A 336 18.00 0.10 3.28
C ILE A 336 17.48 -0.24 1.87
N LEU A 337 16.21 -0.05 1.61
CA LEU A 337 15.63 -0.32 0.26
C LEU A 337 16.29 0.57 -0.77
N LYS A 338 16.49 1.85 -0.46
CA LYS A 338 17.12 2.76 -1.38
C LYS A 338 18.53 2.33 -1.73
N GLU A 339 19.33 1.95 -0.73
CA GLU A 339 20.67 1.51 -0.98
C GLU A 339 20.74 0.18 -1.73
N GLU A 340 19.89 -0.77 -1.34
CA GLU A 340 19.86 -2.02 -2.09
C GLU A 340 19.47 -1.75 -3.54
N PHE A 341 18.53 -0.86 -3.79
CA PHE A 341 18.13 -0.55 -5.14
C PHE A 341 19.26 0.11 -5.94
N ARG A 342 19.95 1.07 -5.31
CA ARG A 342 21.11 1.73 -5.95
C ARG A 342 22.13 0.65 -6.35
N LEU A 343 22.49 -0.26 -5.42
CA LEU A 343 23.45 -1.28 -5.76
C LEU A 343 22.98 -2.16 -6.87
N ALA A 344 21.73 -2.58 -6.86
CA ALA A 344 21.18 -3.46 -7.90
C ALA A 344 21.20 -2.77 -9.25
N MET A 345 20.86 -1.47 -9.29
CA MET A 345 20.97 -0.72 -10.52
C MET A 345 22.41 -0.70 -11.01
N ALA A 346 23.34 -0.36 -10.12
CA ALA A 346 24.73 -0.22 -10.53
C ALA A 346 25.27 -1.54 -11.04
N LEU A 347 25.01 -2.66 -10.34
CA LEU A 347 25.55 -3.97 -10.76
C LEU A 347 24.92 -4.45 -12.03
N SER A 348 23.74 -3.97 -12.36
N SER A 348 23.73 -3.99 -12.37
N SER A 348 23.74 -3.97 -12.36
N SER A 348 23.73 -3.99 -12.37
CA SER A 348 23.02 -4.27 -13.61
CA SER A 348 23.07 -4.34 -13.64
CA SER A 348 23.02 -4.27 -13.61
CA SER A 348 23.07 -4.34 -13.64
C SER A 348 23.36 -3.37 -14.79
C SER A 348 23.34 -3.36 -14.79
C SER A 348 23.36 -3.37 -14.79
C SER A 348 23.34 -3.36 -14.79
N GLY A 349 24.14 -2.31 -14.55
CA GLY A 349 24.55 -1.37 -15.59
C GLY A 349 23.61 -0.26 -15.84
N CYS A 350 22.77 0.09 -14.86
CA CYS A 350 21.77 1.14 -15.05
C CYS A 350 22.14 2.39 -14.30
N GLN A 351 22.41 3.47 -15.03
CA GLN A 351 22.74 4.77 -14.43
C GLN A 351 21.56 5.52 -13.86
N ASN A 352 20.38 5.24 -14.40
CA ASN A 352 19.13 5.95 -14.01
C ASN A 352 17.94 5.06 -14.29
N VAL A 353 16.72 5.42 -13.89
CA VAL A 353 15.60 4.55 -14.03
C VAL A 353 15.10 4.42 -15.48
N LYS A 354 15.46 5.41 -16.29
CA LYS A 354 14.98 5.48 -17.69
C LYS A 354 15.60 4.39 -18.54
N VAL A 355 16.75 3.86 -18.12
CA VAL A 355 17.42 2.80 -18.89
C VAL A 355 17.22 1.41 -18.31
N ILE A 356 16.31 1.20 -17.35
CA ILE A 356 15.97 -0.12 -16.82
C ILE A 356 14.98 -0.81 -17.78
N ASP A 357 15.47 -1.68 -18.65
CA ASP A 357 14.68 -2.20 -19.76
C ASP A 357 14.29 -3.67 -19.53
N LYS A 358 13.41 -4.20 -20.39
CA LYS A 358 12.81 -5.50 -20.27
C LYS A 358 13.83 -6.60 -20.45
N THR A 359 14.94 -6.35 -21.15
CA THR A 359 15.96 -7.42 -21.34
C THR A 359 16.75 -7.71 -20.07
N LEU A 360 16.59 -6.89 -19.04
CA LEU A 360 17.19 -7.21 -17.74
C LEU A 360 16.59 -8.42 -17.04
N VAL A 361 15.40 -8.89 -17.44
CA VAL A 361 14.77 -9.96 -16.70
C VAL A 361 14.26 -11.03 -17.64
N ARG A 362 14.28 -12.25 -17.14
CA ARG A 362 13.60 -13.38 -17.78
C ARG A 362 13.07 -14.36 -16.75
N LYS A 363 11.87 -14.90 -17.02
CA LYS A 363 11.25 -16.02 -16.25
C LYS A 363 11.32 -17.31 -17.12
#